data_8ER5
#
_entry.id   8ER5
#
_cell.length_a   51.954
_cell.length_b   51.954
_cell.length_c   157.440
_cell.angle_alpha   90.000
_cell.angle_beta   90.000
_cell.angle_gamma   120.000
#
_symmetry.space_group_name_H-M   'P 31 2 1'
#
loop_
_entity.id
_entity.type
_entity.pdbx_description
1 polymer 'NlpC/P60 domain-containing protein'
2 non-polymer 'SULFATE ION'
3 non-polymer 1,2-ETHANEDIOL
4 non-polymer GLYCEROL
5 water water
#
_entity_poly.entity_id   1
_entity_poly.type   'polypeptide(L)'
_entity_poly.pdbx_seq_one_letter_code
;NLNPAGSGSNSSAAGIAAS(MSE)VGSPYVWGGSSPAGFDCSGLTSYAYAQAGISIPRTAGGQASVGSAVSYGN(MSE)Q
PGDLIVWSGGAHVSIYVGGGQ(MSE)VHATNPSTGVITSSVSFWSNNSGQSITAIRRP
;
_entity_poly.pdbx_strand_id   A,B
#
loop_
_chem_comp.id
_chem_comp.type
_chem_comp.name
_chem_comp.formula
EDO non-polymer 1,2-ETHANEDIOL 'C2 H6 O2'
GOL non-polymer GLYCEROL 'C3 H8 O3'
SO4 non-polymer 'SULFATE ION' 'O4 S -2'
#
# COMPACT_ATOMS: atom_id res chain seq x y z
N ASN A 1 4.66 -10.28 23.23
CA ASN A 1 4.84 -11.76 23.36
C ASN A 1 3.81 -12.50 22.48
N LEU A 2 2.50 -12.23 22.68
CA LEU A 2 1.44 -12.91 21.89
C LEU A 2 0.37 -11.90 21.43
N ASN A 3 0.09 -11.87 20.13
CA ASN A 3 -0.96 -10.98 19.56
C ASN A 3 -0.76 -9.55 20.07
N PRO A 4 0.45 -8.96 19.97
CA PRO A 4 0.69 -7.59 20.45
C PRO A 4 0.08 -6.56 19.51
N ALA A 5 -0.14 -5.35 20.03
CA ALA A 5 -0.75 -4.22 19.28
C ALA A 5 -0.05 -4.04 17.92
N GLY A 6 -0.84 -3.88 16.86
CA GLY A 6 -0.27 -3.66 15.53
C GLY A 6 0.20 -2.23 15.34
N SER A 7 0.95 -1.98 14.26
CA SER A 7 1.50 -0.63 13.96
C SER A 7 1.08 -0.21 12.54
N GLY A 8 1.39 1.04 12.18
CA GLY A 8 1.18 1.51 10.80
C GLY A 8 1.99 0.66 9.84
N SER A 9 3.19 0.23 10.25
CA SER A 9 4.05 -0.59 9.37
C SER A 9 3.33 -1.87 8.95
N ASN A 10 2.55 -2.46 9.87
CA ASN A 10 1.83 -3.73 9.58
C ASN A 10 0.74 -3.45 8.52
N SER A 11 -0.11 -2.46 8.76
CA SER A 11 -1.19 -2.17 7.80
C SER A 11 -0.58 -1.66 6.49
N SER A 12 0.51 -0.91 6.57
CA SER A 12 1.17 -0.37 5.36
C SER A 12 1.79 -1.51 4.53
N ALA A 13 2.44 -2.48 5.17
CA ALA A 13 2.99 -3.63 4.42
C ALA A 13 1.86 -4.37 3.68
N ALA A 14 0.71 -4.55 4.34
CA ALA A 14 -0.47 -5.20 3.71
C ALA A 14 -0.92 -4.41 2.48
N GLY A 15 -0.99 -3.07 2.59
CA GLY A 15 -1.41 -2.22 1.47
C GLY A 15 -0.42 -2.29 0.33
N ILE A 16 0.88 -2.24 0.65
CA ILE A 16 1.94 -2.32 -0.40
C ILE A 16 1.82 -3.68 -1.10
N ALA A 17 1.73 -4.77 -0.35
CA ALA A 17 1.60 -6.11 -0.95
C ALA A 17 0.35 -6.17 -1.83
N ALA A 18 -0.79 -5.71 -1.34
CA ALA A 18 -2.03 -5.74 -2.18
C ALA A 18 -1.79 -4.95 -3.49
N SER A 19 -1.07 -3.83 -3.43
CA SER A 19 -0.81 -3.02 -4.66
C SER A 19 0.12 -3.74 -5.62
N MSE A 20 0.78 -4.82 -5.17
CA MSE A 20 1.69 -5.55 -6.04
C MSE A 20 0.97 -6.70 -6.74
O MSE A 20 1.58 -7.39 -7.54
CB MSE A 20 2.90 -6.07 -5.25
CG MSE A 20 3.86 -4.99 -4.84
SE MSE A 20 4.64 -4.05 -6.39
CE MSE A 20 4.04 -2.18 -6.27
N VAL A 21 -0.31 -6.89 -6.43
CA VAL A 21 -1.11 -7.89 -7.11
C VAL A 21 -1.01 -7.63 -8.63
N GLY A 22 -0.83 -8.69 -9.42
CA GLY A 22 -0.61 -8.56 -10.87
C GLY A 22 0.87 -8.57 -11.23
N SER A 23 1.75 -8.41 -10.23
CA SER A 23 3.21 -8.44 -10.50
C SER A 23 3.59 -9.83 -10.97
N PRO A 24 4.64 -9.96 -11.81
CA PRO A 24 5.07 -11.27 -12.24
C PRO A 24 5.69 -12.04 -11.07
N TYR A 25 5.62 -13.37 -11.15
CA TYR A 25 6.39 -14.21 -10.21
C TYR A 25 7.72 -14.53 -10.88
N VAL A 26 8.82 -14.43 -10.15
CA VAL A 26 10.13 -14.87 -10.71
C VAL A 26 10.96 -15.44 -9.56
N TRP A 27 11.59 -16.59 -9.81
CA TRP A 27 12.48 -17.24 -8.81
C TRP A 27 13.49 -16.22 -8.29
N GLY A 28 13.63 -16.09 -6.97
CA GLY A 28 14.61 -15.18 -6.34
C GLY A 28 14.24 -13.71 -6.43
N GLY A 29 13.08 -13.38 -6.99
CA GLY A 29 12.71 -11.95 -7.19
C GLY A 29 12.29 -11.23 -5.93
N SER A 30 12.67 -9.95 -5.80
CA SER A 30 12.26 -9.15 -4.62
C SER A 30 11.98 -7.70 -5.03
N SER A 31 11.48 -7.49 -6.26
CA SER A 31 11.15 -6.13 -6.73
C SER A 31 9.89 -6.19 -7.60
N PRO A 32 9.28 -5.03 -7.93
CA PRO A 32 8.10 -5.00 -8.81
C PRO A 32 8.34 -5.65 -10.19
N ALA A 33 9.60 -5.87 -10.57
CA ALA A 33 9.89 -6.54 -11.85
C ALA A 33 9.53 -8.03 -11.73
N GLY A 34 9.50 -8.55 -10.50
CA GLY A 34 9.15 -9.96 -10.27
C GLY A 34 9.44 -10.39 -8.84
N PHE A 35 8.53 -11.18 -8.25
CA PHE A 35 8.70 -11.62 -6.84
C PHE A 35 8.60 -13.13 -6.68
N ASP A 36 9.35 -13.66 -5.71
CA ASP A 36 9.12 -15.05 -5.21
C ASP A 36 8.28 -14.86 -3.94
N CYS A 37 7.85 -15.93 -3.27
CA CYS A 37 6.91 -15.73 -2.13
C CYS A 37 7.53 -14.87 -1.02
N SER A 38 8.77 -15.16 -0.60
CA SER A 38 9.41 -14.41 0.52
C SER A 38 9.97 -13.07 0.01
N GLY A 39 10.17 -12.96 -1.31
CA GLY A 39 10.62 -11.67 -1.87
C GLY A 39 9.51 -10.64 -1.79
N LEU A 40 8.26 -11.09 -1.94
CA LEU A 40 7.10 -10.17 -1.85
C LEU A 40 6.92 -9.69 -0.41
N THR A 41 6.95 -10.61 0.55
CA THR A 41 6.78 -10.22 1.98
C THR A 41 7.95 -9.34 2.43
N SER A 42 9.19 -9.71 2.07
N SER A 42 9.20 -9.70 2.06
CA SER A 42 10.38 -8.89 2.43
CA SER A 42 10.38 -8.89 2.46
C SER A 42 10.25 -7.49 1.82
C SER A 42 10.34 -7.51 1.79
N TYR A 43 9.91 -7.43 0.52
CA TYR A 43 9.77 -6.11 -0.18
C TYR A 43 8.69 -5.27 0.50
N ALA A 44 7.53 -5.87 0.75
CA ALA A 44 6.40 -5.11 1.37
C ALA A 44 6.86 -4.49 2.69
N TYR A 45 7.54 -5.28 3.52
CA TYR A 45 7.98 -4.75 4.84
C TYR A 45 9.14 -3.76 4.67
N ALA A 46 10.08 -4.02 3.76
CA ALA A 46 11.17 -3.03 3.55
C ALA A 46 10.57 -1.68 3.14
N GLN A 47 9.55 -1.71 2.27
CA GLN A 47 8.91 -0.45 1.80
C GLN A 47 8.14 0.21 2.95
N ALA A 48 7.71 -0.59 3.94
CA ALA A 48 6.99 -0.08 5.12
C ALA A 48 7.99 0.27 6.23
N GLY A 49 9.29 0.17 5.94
CA GLY A 49 10.36 0.61 6.87
C GLY A 49 10.82 -0.46 7.86
N ILE A 50 10.62 -1.74 7.56
CA ILE A 50 11.10 -2.80 8.51
C ILE A 50 11.91 -3.85 7.74
N SER A 51 13.11 -4.17 8.22
CA SER A 51 13.91 -5.26 7.59
C SER A 51 13.52 -6.59 8.24
N ILE A 52 13.09 -7.55 7.40
CA ILE A 52 12.74 -8.91 7.90
C ILE A 52 13.65 -9.90 7.20
N PRO A 53 13.75 -11.14 7.68
CA PRO A 53 14.57 -12.15 7.01
C PRO A 53 14.15 -12.30 5.54
N ARG A 54 15.13 -12.53 4.67
CA ARG A 54 14.84 -12.67 3.23
C ARG A 54 14.08 -13.97 2.95
N THR A 55 14.37 -15.05 3.70
CA THR A 55 13.76 -16.37 3.38
C THR A 55 12.47 -16.59 4.16
N ALA A 56 11.55 -17.38 3.58
CA ALA A 56 10.28 -17.74 4.24
C ALA A 56 10.59 -18.41 5.58
N GLY A 57 11.57 -19.33 5.59
CA GLY A 57 11.95 -20.04 6.82
C GLY A 57 12.40 -19.06 7.90
N GLY A 58 13.18 -18.04 7.53
CA GLY A 58 13.63 -17.05 8.51
C GLY A 58 12.48 -16.16 8.97
N GLN A 59 11.50 -15.93 8.09
CA GLN A 59 10.38 -15.03 8.46
C GLN A 59 9.51 -15.70 9.53
N ALA A 60 9.63 -17.02 9.69
CA ALA A 60 8.86 -17.76 10.72
C ALA A 60 9.25 -17.28 12.12
N SER A 61 10.42 -16.64 12.26
CA SER A 61 10.93 -16.17 13.58
C SER A 61 10.85 -14.66 13.75
N VAL A 62 10.33 -13.92 12.76
CA VAL A 62 10.39 -12.44 12.87
C VAL A 62 9.25 -11.92 13.75
N GLY A 63 9.47 -10.78 14.41
CA GLY A 63 8.44 -10.13 15.23
C GLY A 63 7.84 -11.03 16.30
N SER A 64 6.53 -10.91 16.51
CA SER A 64 5.80 -11.65 17.57
C SER A 64 4.88 -12.72 16.98
N ALA A 65 4.62 -13.75 17.79
CA ALA A 65 3.69 -14.85 17.43
C ALA A 65 2.27 -14.32 17.42
N VAL A 66 1.47 -14.82 16.48
CA VAL A 66 0.04 -14.44 16.33
C VAL A 66 -0.78 -15.72 16.24
N SER A 67 -1.96 -15.75 16.87
CA SER A 67 -2.85 -16.92 16.74
C SER A 67 -3.80 -16.65 15.56
N TYR A 68 -4.23 -17.73 14.89
CA TYR A 68 -5.06 -17.63 13.66
C TYR A 68 -6.24 -16.66 13.84
N GLY A 69 -7.03 -16.84 14.89
CA GLY A 69 -8.23 -16.00 15.10
C GLY A 69 -7.91 -14.54 15.36
N ASN A 70 -6.64 -14.20 15.57
CA ASN A 70 -6.26 -12.78 15.88
C ASN A 70 -5.48 -12.16 14.73
N MSE A 71 -5.44 -12.83 13.57
CA MSE A 71 -4.71 -12.29 12.44
C MSE A 71 -5.27 -10.92 12.04
O MSE A 71 -6.47 -10.69 12.11
CB MSE A 71 -4.78 -13.23 11.24
CG MSE A 71 -3.83 -14.39 11.32
SE MSE A 71 -3.73 -15.31 9.60
CE MSE A 71 -5.55 -15.88 9.19
N GLN A 72 -4.35 -10.02 11.63
CA GLN A 72 -4.68 -8.69 11.20
C GLN A 72 -3.88 -8.42 9.94
N PRO A 73 -4.35 -7.51 9.05
CA PRO A 73 -3.60 -7.20 7.83
C PRO A 73 -2.12 -6.94 8.15
N GLY A 74 -1.22 -7.59 7.43
CA GLY A 74 0.22 -7.43 7.64
C GLY A 74 0.87 -8.65 8.26
N ASP A 75 0.06 -9.54 8.86
CA ASP A 75 0.61 -10.76 9.48
C ASP A 75 1.18 -11.65 8.38
N LEU A 76 2.37 -12.19 8.62
CA LEU A 76 3.03 -13.11 7.68
C LEU A 76 2.60 -14.53 8.02
N ILE A 77 2.15 -15.28 7.02
CA ILE A 77 1.72 -16.68 7.23
C ILE A 77 2.78 -17.59 6.60
N VAL A 78 3.50 -18.34 7.43
CA VAL A 78 4.55 -19.24 6.89
C VAL A 78 3.97 -20.65 6.77
N TRP A 79 4.21 -21.30 5.63
CA TRP A 79 3.60 -22.61 5.31
C TRP A 79 4.66 -23.71 5.33
N SER A 80 4.31 -24.82 5.99
CA SER A 80 5.16 -26.04 6.02
C SER A 80 6.64 -25.73 6.26
N GLY A 81 6.93 -24.87 7.24
CA GLY A 81 8.32 -24.58 7.66
C GLY A 81 9.14 -23.84 6.61
N GLY A 82 8.51 -22.98 5.81
CA GLY A 82 9.26 -22.16 4.84
C GLY A 82 8.99 -22.54 3.39
N ALA A 83 8.12 -23.53 3.16
CA ALA A 83 7.83 -23.95 1.76
C ALA A 83 7.13 -22.81 1.03
N HIS A 84 6.44 -21.97 1.79
CA HIS A 84 5.71 -20.84 1.19
C HIS A 84 5.47 -19.81 2.29
N VAL A 85 5.24 -18.57 1.88
CA VAL A 85 4.89 -17.50 2.85
C VAL A 85 3.93 -16.57 2.12
N SER A 86 3.01 -16.01 2.89
CA SER A 86 2.00 -15.07 2.34
C SER A 86 1.76 -13.99 3.39
N ILE A 87 1.05 -12.94 2.99
CA ILE A 87 0.77 -11.84 3.95
C ILE A 87 -0.75 -11.65 4.03
N TYR A 88 -1.26 -11.69 5.26
CA TYR A 88 -2.72 -11.54 5.46
C TYR A 88 -3.14 -10.12 5.09
N VAL A 89 -4.24 -9.99 4.34
CA VAL A 89 -4.75 -8.63 3.96
C VAL A 89 -6.17 -8.42 4.50
N GLY A 90 -6.69 -9.34 5.32
CA GLY A 90 -8.03 -9.16 5.90
C GLY A 90 -9.12 -9.87 5.10
N GLY A 91 -10.31 -10.02 5.70
CA GLY A 91 -11.45 -10.66 5.02
C GLY A 91 -11.15 -12.10 4.64
N GLY A 92 -10.24 -12.75 5.38
CA GLY A 92 -9.83 -14.15 5.15
C GLY A 92 -8.95 -14.32 3.92
N GLN A 93 -8.42 -13.21 3.39
CA GLN A 93 -7.61 -13.22 2.14
C GLN A 93 -6.15 -13.01 2.47
N MSE A 94 -5.29 -13.54 1.60
CA MSE A 94 -3.86 -13.33 1.71
C MSE A 94 -3.34 -12.98 0.33
O MSE A 94 -3.92 -13.41 -0.67
CB MSE A 94 -3.14 -14.57 2.26
CG MSE A 94 -3.23 -15.78 1.33
SE MSE A 94 -2.73 -17.44 2.24
CE MSE A 94 -2.11 -18.58 0.77
N VAL A 95 -2.26 -12.18 0.30
CA VAL A 95 -1.59 -11.85 -0.95
C VAL A 95 -0.30 -12.68 -0.98
N HIS A 96 0.06 -13.21 -2.15
CA HIS A 96 1.27 -14.06 -2.25
C HIS A 96 1.68 -14.24 -3.69
N ALA A 97 2.98 -14.45 -3.89
CA ALA A 97 3.57 -14.77 -5.21
C ALA A 97 3.44 -16.27 -5.35
N THR A 98 2.59 -16.71 -6.28
CA THR A 98 2.28 -18.15 -6.44
C THR A 98 3.31 -18.83 -7.36
N ASN A 99 3.16 -18.61 -8.67
CA ASN A 99 4.04 -19.27 -9.68
C ASN A 99 4.02 -18.39 -10.92
N PRO A 100 4.88 -18.68 -11.93
CA PRO A 100 4.91 -17.87 -13.14
C PRO A 100 3.55 -17.73 -13.87
N SER A 101 2.71 -18.76 -13.83
CA SER A 101 1.41 -18.72 -14.56
C SER A 101 0.43 -17.72 -13.95
N THR A 102 0.54 -17.43 -12.65
CA THR A 102 -0.50 -16.55 -12.01
C THR A 102 0.10 -15.31 -11.36
N GLY A 103 1.41 -15.28 -11.07
CA GLY A 103 2.06 -14.10 -10.48
C GLY A 103 1.58 -13.82 -9.06
N VAL A 104 1.54 -12.55 -8.68
CA VAL A 104 1.09 -12.18 -7.31
C VAL A 104 -0.42 -12.07 -7.32
N ILE A 105 -1.09 -12.81 -6.45
CA ILE A 105 -2.59 -12.81 -6.38
C ILE A 105 -3.06 -12.63 -4.94
N THR A 106 -4.35 -12.33 -4.78
CA THR A 106 -5.04 -12.38 -3.48
C THR A 106 -5.91 -13.65 -3.53
N SER A 107 -5.83 -14.48 -2.50
CA SER A 107 -6.69 -15.69 -2.46
C SER A 107 -6.95 -16.07 -1.00
N SER A 108 -7.90 -16.97 -0.80
CA SER A 108 -8.38 -17.41 0.53
C SER A 108 -7.33 -18.20 1.32
N VAL A 109 -7.15 -17.82 2.59
CA VAL A 109 -6.26 -18.60 3.51
C VAL A 109 -6.86 -20.00 3.68
N SER A 110 -8.19 -20.07 3.90
CA SER A 110 -8.82 -21.39 4.15
C SER A 110 -8.74 -22.28 2.91
N PHE A 111 -8.86 -21.72 1.70
CA PHE A 111 -8.74 -22.57 0.48
C PHE A 111 -7.33 -23.18 0.43
N TRP A 112 -6.32 -22.40 0.80
CA TRP A 112 -4.91 -22.88 0.74
C TRP A 112 -4.66 -23.93 1.84
N SER A 113 -5.12 -23.68 3.06
CA SER A 113 -4.93 -24.66 4.19
C SER A 113 -5.60 -25.99 3.85
N ASN A 114 -6.80 -25.92 3.28
CA ASN A 114 -7.63 -27.13 3.06
C ASN A 114 -7.20 -27.92 1.81
N ASN A 115 -6.49 -27.32 0.87
CA ASN A 115 -6.31 -28.03 -0.43
C ASN A 115 -4.88 -28.01 -0.95
N SER A 116 -4.01 -27.15 -0.42
CA SER A 116 -2.63 -27.04 -0.96
C SER A 116 -1.75 -28.20 -0.51
N GLY A 117 -2.16 -28.90 0.57
CA GLY A 117 -1.33 -29.94 1.19
C GLY A 117 -0.40 -29.34 2.24
N GLN A 118 -0.31 -28.00 2.26
CA GLN A 118 0.56 -27.29 3.21
C GLN A 118 -0.24 -26.91 4.45
N SER A 119 0.46 -26.70 5.57
CA SER A 119 -0.18 -26.25 6.83
C SER A 119 0.53 -25.02 7.34
N ILE A 120 -0.20 -24.16 8.05
CA ILE A 120 0.39 -22.96 8.69
C ILE A 120 1.30 -23.43 9.82
N THR A 121 2.59 -23.11 9.76
CA THR A 121 3.54 -23.50 10.83
C THR A 121 3.91 -22.25 11.63
N ALA A 122 3.60 -21.06 11.10
CA ALA A 122 3.89 -19.83 11.86
C ALA A 122 3.05 -18.67 11.33
N ILE A 123 2.64 -17.80 12.25
CA ILE A 123 1.94 -16.53 11.89
C ILE A 123 2.67 -15.44 12.67
N ARG A 124 3.29 -14.50 11.96
CA ARG A 124 4.17 -13.51 12.63
C ARG A 124 3.73 -12.07 12.34
N ARG A 125 3.91 -11.22 13.34
CA ARG A 125 3.60 -9.78 13.23
C ARG A 125 4.91 -9.02 13.42
N PRO A 126 5.56 -8.62 12.30
CA PRO A 126 6.80 -7.86 12.35
C PRO A 126 6.65 -6.56 13.16
N LEU B 2 8.01 16.13 -18.86
CA LEU B 2 8.59 16.01 -17.49
C LEU B 2 8.23 14.64 -16.91
N ASN B 3 9.20 13.73 -16.82
CA ASN B 3 9.00 12.37 -16.24
C ASN B 3 10.14 12.09 -15.27
N PRO B 4 10.19 12.79 -14.11
CA PRO B 4 11.29 12.63 -13.14
C PRO B 4 11.43 11.22 -12.56
N ALA B 5 12.59 10.94 -11.95
CA ALA B 5 12.90 9.59 -11.41
C ALA B 5 11.88 9.18 -10.32
N GLY B 6 11.24 8.03 -10.53
CA GLY B 6 10.27 7.45 -9.58
C GLY B 6 10.96 6.44 -8.68
N SER B 7 10.40 6.19 -7.48
CA SER B 7 11.06 5.21 -6.59
C SER B 7 10.02 4.31 -5.92
N GLY B 8 10.52 3.39 -5.09
CA GLY B 8 9.67 2.47 -4.31
C GLY B 8 8.78 3.26 -3.39
N SER B 9 9.29 4.37 -2.85
CA SER B 9 8.46 5.19 -1.93
C SER B 9 7.23 5.73 -2.67
N ASN B 10 7.35 6.10 -3.94
CA ASN B 10 6.19 6.63 -4.73
C ASN B 10 5.14 5.52 -4.90
N SER B 11 5.54 4.37 -5.46
CA SER B 11 4.59 3.25 -5.67
C SER B 11 4.03 2.78 -4.32
N SER B 12 4.86 2.77 -3.26
CA SER B 12 4.38 2.31 -1.93
C SER B 12 3.36 3.31 -1.35
N ALA B 13 3.63 4.60 -1.46
CA ALA B 13 2.65 5.60 -0.97
C ALA B 13 1.31 5.35 -1.68
N ALA B 14 1.34 5.08 -2.99
CA ALA B 14 0.07 4.84 -3.75
C ALA B 14 -0.65 3.61 -3.16
N GLY B 15 0.09 2.53 -2.92
CA GLY B 15 -0.51 1.29 -2.37
C GLY B 15 -1.10 1.53 -0.99
N ILE B 16 -0.40 2.27 -0.14
CA ILE B 16 -0.92 2.58 1.22
C ILE B 16 -2.19 3.42 1.08
N ALA B 17 -2.18 4.45 0.24
CA ALA B 17 -3.39 5.28 0.05
C ALA B 17 -4.55 4.41 -0.44
N ALA B 18 -4.31 3.56 -1.44
CA ALA B 18 -5.38 2.68 -1.96
C ALA B 18 -5.92 1.80 -0.83
N SER B 19 -5.04 1.29 0.04
CA SER B 19 -5.50 0.42 1.15
C SER B 19 -6.34 1.20 2.16
N MSE B 20 -6.25 2.54 2.15
CA MSE B 20 -7.02 3.36 3.08
C MSE B 20 -8.40 3.70 2.50
O MSE B 20 -9.19 4.38 3.16
CB MSE B 20 -6.27 4.65 3.42
CG MSE B 20 -5.06 4.46 4.30
SE MSE B 20 -5.53 3.62 6.01
CE MSE B 20 -4.60 1.89 6.01
N VAL B 21 -8.70 3.25 1.27
CA VAL B 21 -10.02 3.52 0.73
C VAL B 21 -11.07 2.94 1.69
N GLY B 22 -12.16 3.69 1.94
CA GLY B 22 -13.19 3.24 2.89
C GLY B 22 -12.97 3.83 4.28
N SER B 23 -11.80 4.45 4.51
CA SER B 23 -11.51 5.15 5.78
C SER B 23 -12.46 6.34 5.87
N PRO B 24 -12.82 6.78 7.10
CA PRO B 24 -13.68 7.95 7.27
C PRO B 24 -12.94 9.23 6.88
N TYR B 25 -13.73 10.22 6.47
CA TYR B 25 -13.19 11.57 6.29
C TYR B 25 -13.39 12.29 7.63
N VAL B 26 -12.35 12.97 8.12
CA VAL B 26 -12.54 13.81 9.34
C VAL B 26 -11.64 15.04 9.20
N TRP B 27 -12.23 16.20 9.44
CA TRP B 27 -11.48 17.48 9.40
C TRP B 27 -10.21 17.37 10.24
N GLY B 28 -9.04 17.64 9.65
CA GLY B 28 -7.75 17.64 10.38
C GLY B 28 -7.17 16.25 10.63
N GLY B 29 -7.82 15.20 10.12
CA GLY B 29 -7.35 13.82 10.39
C GLY B 29 -6.16 13.41 9.51
N SER B 30 -5.24 12.63 10.08
CA SER B 30 -4.07 12.13 9.33
C SER B 30 -3.73 10.71 9.80
N SER B 31 -4.76 9.92 10.14
CA SER B 31 -4.54 8.51 10.57
C SER B 31 -5.72 7.67 10.09
N PRO B 32 -5.63 6.32 10.18
CA PRO B 32 -6.71 5.43 9.75
C PRO B 32 -8.06 5.72 10.44
N ALA B 33 -8.03 6.41 11.59
CA ALA B 33 -9.28 6.75 12.30
C ALA B 33 -10.05 7.79 11.48
N GLY B 34 -9.36 8.49 10.58
CA GLY B 34 -10.04 9.51 9.77
C GLY B 34 -9.05 10.44 9.11
N PHE B 35 -9.29 10.78 7.84
CA PHE B 35 -8.34 11.63 7.08
C PHE B 35 -9.05 12.86 6.48
N ASP B 36 -8.28 13.95 6.34
CA ASP B 36 -8.71 15.06 5.46
C ASP B 36 -7.87 14.86 4.19
N CYS B 37 -8.03 15.70 3.16
CA CYS B 37 -7.35 15.39 1.86
C CYS B 37 -5.83 15.37 1.99
N SER B 38 -5.23 16.39 2.65
CA SER B 38 -3.75 16.45 2.78
C SER B 38 -3.26 15.49 3.88
N GLY B 39 -4.16 15.11 4.81
CA GLY B 39 -3.81 14.14 5.86
C GLY B 39 -3.66 12.75 5.28
N LEU B 40 -4.45 12.43 4.24
CA LEU B 40 -4.33 11.10 3.58
C LEU B 40 -3.02 11.03 2.80
N THR B 41 -2.71 12.04 2.00
CA THR B 41 -1.46 12.03 1.19
C THR B 41 -0.23 12.07 2.11
N SER B 42 -0.29 12.90 3.15
N SER B 42 -0.26 12.89 3.17
CA SER B 42 0.79 13.02 4.18
CA SER B 42 0.89 12.98 4.10
C SER B 42 1.01 11.67 4.86
C SER B 42 1.03 11.67 4.90
N TYR B 43 -0.08 11.05 5.28
CA TYR B 43 -0.01 9.73 5.98
C TYR B 43 0.61 8.68 5.05
N ALA B 44 0.14 8.61 3.82
CA ALA B 44 0.60 7.60 2.83
C ALA B 44 2.11 7.73 2.62
N TYR B 45 2.60 8.95 2.48
CA TYR B 45 4.05 9.17 2.25
C TYR B 45 4.83 8.90 3.55
N ALA B 46 4.30 9.34 4.69
CA ALA B 46 5.01 9.12 5.97
C ALA B 46 5.20 7.63 6.18
N GLN B 47 4.17 6.83 5.87
CA GLN B 47 4.20 5.35 6.05
C GLN B 47 5.16 4.70 5.03
N ALA B 48 5.43 5.40 3.91
CA ALA B 48 6.40 4.92 2.90
C ALA B 48 7.81 5.46 3.21
N GLY B 49 7.95 6.23 4.30
CA GLY B 49 9.28 6.70 4.75
C GLY B 49 9.66 8.06 4.21
N ILE B 50 8.68 8.85 3.75
CA ILE B 50 8.98 10.21 3.20
C ILE B 50 8.06 11.23 3.85
N SER B 51 8.62 12.22 4.54
CA SER B 51 7.71 13.23 5.12
C SER B 51 7.47 14.33 4.08
N ILE B 52 6.21 14.68 3.89
CA ILE B 52 5.81 15.79 2.97
C ILE B 52 5.07 16.79 3.85
N PRO B 53 4.89 18.05 3.41
CA PRO B 53 4.17 19.04 4.20
C PRO B 53 2.74 18.61 4.53
N ARG B 54 2.19 19.17 5.61
CA ARG B 54 0.85 18.77 6.11
C ARG B 54 -0.27 19.32 5.22
N THR B 55 -0.05 20.47 4.57
CA THR B 55 -1.14 21.12 3.78
C THR B 55 -0.99 20.80 2.29
N ALA B 56 -2.10 20.79 1.55
CA ALA B 56 -2.07 20.57 0.08
C ALA B 56 -1.19 21.65 -0.57
N GLY B 57 -1.33 22.89 -0.11
CA GLY B 57 -0.52 24.02 -0.63
C GLY B 57 0.96 23.77 -0.45
N GLY B 58 1.36 23.25 0.72
CA GLY B 58 2.79 22.95 0.93
C GLY B 58 3.23 21.77 0.09
N GLN B 59 2.34 20.79 -0.10
CA GLN B 59 2.70 19.57 -0.87
C GLN B 59 2.96 19.96 -2.34
N ALA B 60 2.39 21.08 -2.78
CA ALA B 60 2.54 21.56 -4.17
C ALA B 60 4.00 21.94 -4.48
N SER B 61 4.80 22.21 -3.45
CA SER B 61 6.18 22.70 -3.72
C SER B 61 7.23 21.58 -3.59
N VAL B 62 6.86 20.41 -3.04
CA VAL B 62 7.94 19.40 -2.81
C VAL B 62 8.07 18.44 -4.01
N GLY B 63 9.18 17.73 -4.04
CA GLY B 63 9.47 16.78 -5.13
C GLY B 63 9.69 17.47 -6.47
N SER B 64 9.52 16.69 -7.53
CA SER B 64 9.76 17.09 -8.94
C SER B 64 8.43 17.31 -9.67
N ALA B 65 8.41 18.29 -10.57
CA ALA B 65 7.23 18.57 -11.40
C ALA B 65 7.00 17.37 -12.34
N VAL B 66 5.75 17.00 -12.52
CA VAL B 66 5.35 15.90 -13.45
C VAL B 66 4.38 16.48 -14.47
N SER B 67 4.50 16.08 -15.74
CA SER B 67 3.48 16.50 -16.73
C SER B 67 2.32 15.48 -16.69
N TYR B 68 1.11 15.94 -17.00
CA TYR B 68 -0.12 15.12 -16.89
C TYR B 68 0.03 13.72 -17.53
N GLY B 69 0.48 13.67 -18.77
CA GLY B 69 0.60 12.38 -19.49
C GLY B 69 1.66 11.45 -18.89
N ASN B 70 2.49 11.95 -17.96
CA ASN B 70 3.57 11.11 -17.37
C ASN B 70 3.24 10.68 -15.95
N MSE B 71 2.02 10.96 -15.50
CA MSE B 71 1.65 10.60 -14.13
C MSE B 71 1.85 9.11 -13.90
O MSE B 71 1.53 8.30 -14.76
CB MSE B 71 0.21 11.01 -13.84
CG MSE B 71 0.09 12.45 -13.44
SE MSE B 71 -1.70 12.85 -12.82
CE MSE B 71 -2.93 12.19 -14.18
N GLN B 72 2.38 8.80 -12.71
CA GLN B 72 2.61 7.43 -12.28
C GLN B 72 2.04 7.29 -10.87
N PRO B 73 1.67 6.07 -10.42
CA PRO B 73 1.17 5.88 -9.07
C PRO B 73 2.07 6.54 -8.02
N GLY B 74 1.46 7.35 -7.15
CA GLY B 74 2.15 8.06 -6.06
C GLY B 74 2.25 9.55 -6.30
N ASP B 75 2.02 9.98 -7.54
CA ASP B 75 2.11 11.43 -7.87
C ASP B 75 1.03 12.20 -7.09
N LEU B 76 1.41 13.34 -6.54
CA LEU B 76 0.48 14.20 -5.77
C LEU B 76 -0.13 15.22 -6.73
N ILE B 77 -1.46 15.24 -6.82
CA ILE B 77 -2.20 16.18 -7.70
C ILE B 77 -2.79 17.26 -6.80
N VAL B 78 -2.34 18.49 -6.96
CA VAL B 78 -2.85 19.60 -6.12
C VAL B 78 -3.84 20.38 -6.96
N TRP B 79 -4.96 20.73 -6.35
CA TRP B 79 -6.10 21.37 -7.05
C TRP B 79 -6.28 22.82 -6.60
N SER B 80 -6.45 23.70 -7.58
CA SER B 80 -6.76 25.13 -7.33
C SER B 80 -5.89 25.70 -6.20
N GLY B 81 -4.57 25.56 -6.33
CA GLY B 81 -3.61 26.17 -5.39
C GLY B 81 -3.73 25.67 -3.96
N GLY B 82 -4.23 24.45 -3.73
CA GLY B 82 -4.29 23.91 -2.36
C GLY B 82 -5.70 23.69 -1.83
N ALA B 83 -6.71 23.90 -2.67
CA ALA B 83 -8.12 23.68 -2.27
C ALA B 83 -8.35 22.18 -2.04
N HIS B 84 -7.54 21.35 -2.70
CA HIS B 84 -7.69 19.88 -2.58
C HIS B 84 -6.39 19.21 -3.06
N VAL B 85 -6.18 17.97 -2.59
CA VAL B 85 -5.01 17.18 -3.04
C VAL B 85 -5.45 15.72 -3.12
N SER B 86 -4.95 15.02 -4.14
CA SER B 86 -5.26 13.59 -4.35
C SER B 86 -3.95 12.88 -4.70
N ILE B 87 -3.97 11.56 -4.67
CA ILE B 87 -2.76 10.78 -5.04
C ILE B 87 -3.14 9.85 -6.20
N TYR B 88 -2.38 9.94 -7.30
CA TYR B 88 -2.64 9.13 -8.51
C TYR B 88 -2.37 7.68 -8.19
N VAL B 89 -3.27 6.78 -8.60
CA VAL B 89 -3.05 5.32 -8.35
C VAL B 89 -3.06 4.53 -9.67
N GLY B 90 -2.98 5.22 -10.81
CA GLY B 90 -2.98 4.53 -12.12
C GLY B 90 -4.36 4.40 -12.75
N GLY B 91 -4.39 4.08 -14.05
CA GLY B 91 -5.64 3.87 -14.80
C GLY B 91 -6.54 5.10 -14.78
N GLY B 92 -5.96 6.30 -14.70
CA GLY B 92 -6.73 7.56 -14.71
C GLY B 92 -7.47 7.82 -13.40
N GLN B 93 -7.16 7.03 -12.37
CA GLN B 93 -7.82 7.12 -11.04
C GLN B 93 -6.92 7.77 -10.01
N MSE B 94 -7.57 8.40 -9.02
CA MSE B 94 -6.87 8.99 -7.90
C MSE B 94 -7.62 8.59 -6.63
O MSE B 94 -8.83 8.38 -6.66
CB MSE B 94 -6.81 10.52 -8.02
CG MSE B 94 -8.12 11.20 -7.76
SE MSE B 94 -8.18 12.99 -8.57
CE MSE B 94 -9.66 13.87 -7.62
N VAL B 95 -6.86 8.50 -5.55
CA VAL B 95 -7.42 8.23 -4.23
C VAL B 95 -7.42 9.56 -3.48
N HIS B 96 -8.49 9.85 -2.75
CA HIS B 96 -8.58 11.15 -2.06
C HIS B 96 -9.67 11.10 -0.99
N ALA B 97 -9.46 11.88 0.06
CA ALA B 97 -10.44 12.04 1.16
C ALA B 97 -11.36 13.17 0.70
N THR B 98 -12.63 12.84 0.49
CA THR B 98 -13.61 13.78 -0.09
C THR B 98 -14.36 14.59 0.98
N ASN B 99 -15.34 13.96 1.62
CA ASN B 99 -16.19 14.61 2.65
C ASN B 99 -16.71 13.50 3.57
N PRO B 100 -17.32 13.82 4.73
CA PRO B 100 -17.80 12.78 5.65
C PRO B 100 -18.81 11.80 5.01
N SER B 101 -19.55 12.23 3.99
CA SER B 101 -20.58 11.34 3.37
C SER B 101 -19.94 10.20 2.59
N THR B 102 -18.73 10.39 2.04
CA THR B 102 -18.17 9.32 1.18
C THR B 102 -16.80 8.84 1.65
N GLY B 103 -16.12 9.57 2.54
CA GLY B 103 -14.83 9.13 3.10
C GLY B 103 -13.72 9.06 2.07
N VAL B 104 -12.81 8.10 2.21
CA VAL B 104 -11.67 7.98 1.28
C VAL B 104 -12.12 7.10 0.10
N ILE B 105 -11.99 7.62 -1.12
CA ILE B 105 -12.48 6.88 -2.33
C ILE B 105 -11.44 6.92 -3.43
N THR B 106 -11.68 6.09 -4.44
CA THR B 106 -10.94 6.13 -5.73
C THR B 106 -11.92 6.69 -6.75
N SER B 107 -11.50 7.67 -7.54
CA SER B 107 -12.37 8.22 -8.61
C SER B 107 -11.51 8.84 -9.71
N SER B 108 -12.16 9.13 -10.84
CA SER B 108 -11.52 9.65 -12.08
C SER B 108 -10.90 11.04 -11.90
N VAL B 109 -9.63 11.17 -12.30
CA VAL B 109 -8.97 12.50 -12.36
C VAL B 109 -9.76 13.38 -13.33
N SER B 110 -10.07 12.85 -14.51
N SER B 110 -10.09 12.85 -14.52
CA SER B 110 -10.80 13.58 -15.57
CA SER B 110 -10.80 13.61 -15.57
C SER B 110 -12.17 14.10 -15.07
C SER B 110 -12.17 14.09 -15.08
N PHE B 111 -12.96 13.23 -14.41
CA PHE B 111 -14.29 13.65 -13.91
C PHE B 111 -14.13 14.85 -12.95
N TRP B 112 -13.13 14.78 -12.07
CA TRP B 112 -12.90 15.85 -11.08
C TRP B 112 -12.45 17.13 -11.80
N SER B 113 -11.52 17.01 -12.72
CA SER B 113 -11.03 18.20 -13.46
C SER B 113 -12.17 18.83 -14.27
N ASN B 114 -13.01 18.02 -14.93
CA ASN B 114 -14.07 18.58 -15.81
C ASN B 114 -15.26 19.15 -15.03
N ASN B 115 -15.55 18.65 -13.81
CA ASN B 115 -16.86 18.98 -13.20
C ASN B 115 -16.79 19.55 -11.78
N SER B 116 -15.62 19.53 -11.13
CA SER B 116 -15.54 19.98 -9.72
C SER B 116 -15.39 21.50 -9.62
N GLY B 117 -15.10 22.16 -10.75
CA GLY B 117 -14.82 23.61 -10.75
C GLY B 117 -13.36 23.87 -10.38
N GLN B 118 -12.64 22.83 -9.96
CA GLN B 118 -11.20 22.93 -9.60
C GLN B 118 -10.33 22.54 -10.78
N SER B 119 -9.08 23.02 -10.78
N SER B 119 -9.08 23.01 -10.79
CA SER B 119 -8.10 22.72 -11.85
CA SER B 119 -8.13 22.67 -11.87
C SER B 119 -6.81 22.20 -11.22
C SER B 119 -6.81 22.21 -11.25
N ILE B 120 -6.07 21.36 -11.96
CA ILE B 120 -4.76 20.86 -11.46
C ILE B 120 -3.78 22.04 -11.52
N THR B 121 -3.18 22.40 -10.39
CA THR B 121 -2.19 23.52 -10.37
C THR B 121 -0.79 22.95 -10.10
N ALA B 122 -0.70 21.69 -9.73
CA ALA B 122 0.63 21.06 -9.54
C ALA B 122 0.48 19.54 -9.53
N ILE B 123 1.47 18.87 -10.08
CA ILE B 123 1.57 17.37 -10.06
C ILE B 123 2.99 17.10 -9.60
N ARG B 124 3.15 16.58 -8.39
CA ARG B 124 4.50 16.42 -7.80
C ARG B 124 4.86 14.95 -7.57
N ARG B 125 6.15 14.64 -7.76
CA ARG B 125 6.68 13.28 -7.50
C ARG B 125 7.74 13.42 -6.43
N PRO B 126 7.40 13.17 -5.13
CA PRO B 126 8.42 13.22 -4.07
C PRO B 126 9.60 12.29 -4.39
S SO4 C . 2.72 4.10 13.29
O1 SO4 C . 3.55 3.68 12.20
O2 SO4 C . 3.40 5.08 14.07
O3 SO4 C . 2.41 2.95 14.12
O4 SO4 C . 1.49 4.66 12.78
S SO4 D . 17.53 -10.41 -3.03
O1 SO4 D . 17.57 -9.03 -2.64
O2 SO4 D . 18.50 -10.64 -4.06
O3 SO4 D . 16.21 -10.74 -3.52
O4 SO4 D . 17.83 -11.24 -1.89
S SO4 E . -11.01 -10.22 9.30
O1 SO4 E . -9.75 -10.76 9.74
O2 SO4 E . -10.76 -9.01 8.54
O3 SO4 E . -11.69 -11.17 8.46
O4 SO4 E . -11.83 -9.91 10.43
S SO4 F . 8.62 -17.05 19.04
O1 SO4 F . 9.18 -17.85 20.09
O2 SO4 F . 9.60 -16.12 18.56
O3 SO4 F . 8.22 -17.92 17.96
O4 SO4 F . 7.46 -16.34 19.54
S SO4 G . -7.27 -17.95 18.26
O1 SO4 G . -6.67 -18.46 19.46
O2 SO4 G . -6.80 -16.63 18.01
O3 SO4 G . -6.92 -18.80 17.14
O4 SO4 G . -8.71 -17.93 18.41
S SO4 H . 9.16 -19.52 -4.03
O1 SO4 H . 10.12 -19.24 -2.99
O2 SO4 H . 9.81 -19.46 -5.30
O3 SO4 H . 8.59 -20.83 -3.84
O4 SO4 H . 8.10 -18.54 -3.99
C1 EDO I . -13.17 -17.98 3.85
O1 EDO I . -13.20 -16.71 4.48
C2 EDO I . -13.25 -17.89 2.38
O2 EDO I . -12.43 -18.84 1.73
C1 GOL J . 3.90 22.29 7.44
O1 GOL J . 4.07 20.89 7.23
C2 GOL J . 2.46 22.71 7.24
O2 GOL J . 2.01 23.46 8.37
C3 GOL J . 2.24 23.51 5.97
O3 GOL J . 2.24 22.68 4.82
S SO4 K . 9.34 23.32 -10.26
O1 SO4 K . 9.92 23.21 -11.56
O2 SO4 K . 9.65 24.59 -9.68
O3 SO4 K . 9.86 22.27 -9.41
O4 SO4 K . 7.90 23.19 -10.37
S SO4 L . -1.79 4.89 -16.46
O1 SO4 L . -0.92 4.63 -17.57
O2 SO4 L . -1.43 6.14 -15.84
O3 SO4 L . -1.66 3.83 -15.50
O4 SO4 L . -3.16 4.96 -16.91
S SO4 M . -10.05 18.98 3.32
O1 SO4 M . -10.61 19.09 4.65
O2 SO4 M . -8.79 19.68 3.28
O3 SO4 M . -9.85 17.60 3.00
O4 SO4 M . -10.95 19.57 2.36
S SO4 N . -5.51 5.87 14.89
O1 SO4 N . -5.68 7.29 14.98
O2 SO4 N . -4.11 5.54 14.94
O3 SO4 N . -6.07 5.41 13.66
O4 SO4 N . -6.19 5.24 15.99
#